data_1GV3
#
_entry.id   1GV3
#
_cell.length_a   151.320
_cell.length_b   151.320
_cell.length_c   69.280
_cell.angle_alpha   90.00
_cell.angle_beta   90.00
_cell.angle_gamma   120.00
#
_symmetry.space_group_name_H-M   'H 3'
#
loop_
_entity.id
_entity.type
_entity.pdbx_description
1 polymer 'MANGANESE SUPEROXIDE DISMUTASE'
2 non-polymer 'MANGANESE (II) ION'
3 water water
#
_entity_poly.entity_id   1
_entity_poly.type   'polypeptide(L)'
_entity_poly.pdbx_seq_one_letter_code
;MAANSLPTNVASPVQTTTPTTDKRSIGFIDRQLGTNPAELPPLPYGYDALEKAIDAETMKLHHDKHHAAYVNNLNNALKK
HPELQNSSVEALLRDLNSVPEDIRTTVRNNGGGHLNHTIFWQIMSPDGGGQPTGDIAQEINQTFGSFEEFKKQFNQAGGD
RFGSGWVWLVRNPQGQLQVVSTPNQDNPIMEGSYPIMGNDVWEHAYYLRYQNRRPEYLNNWWNVVNWSEINRRTQASRQS
NSHHHHHH
;
_entity_poly.pdbx_strand_id   A,B
#
loop_
_chem_comp.id
_chem_comp.type
_chem_comp.name
_chem_comp.formula
MN non-polymer 'MANGANESE (II) ION' 'Mn 2'
#
# COMPACT_ATOMS: atom_id res chain seq x y z
N SER A 25 18.21 19.95 8.41
CA SER A 25 18.39 18.47 8.42
C SER A 25 17.21 17.77 9.11
N ILE A 26 16.73 16.70 8.48
CA ILE A 26 15.60 15.93 8.99
C ILE A 26 15.96 14.49 9.32
N GLY A 27 16.69 13.82 8.42
CA GLY A 27 17.07 12.43 8.64
C GLY A 27 17.83 12.29 9.94
N PHE A 28 18.90 13.06 10.06
CA PHE A 28 19.74 13.09 11.26
C PHE A 28 19.64 14.50 11.81
N ILE A 29 19.85 14.68 13.11
CA ILE A 29 19.74 15.96 13.78
C ILE A 29 20.96 16.84 13.42
N ASP A 30 22.15 16.29 13.50
CA ASP A 30 23.38 17.04 13.25
C ASP A 30 23.86 17.13 11.80
N ARG A 31 23.19 16.44 10.89
CA ARG A 31 23.60 16.47 9.49
C ARG A 31 22.49 16.11 8.51
N GLN A 32 22.61 16.62 7.28
CA GLN A 32 21.64 16.35 6.24
C GLN A 32 21.93 15.01 5.58
N LEU A 33 20.92 14.48 4.90
CA LEU A 33 21.05 13.19 4.22
C LEU A 33 21.69 13.39 2.85
N GLY A 34 22.94 12.94 2.72
CA GLY A 34 23.67 13.10 1.47
C GLY A 34 23.21 12.28 0.28
N THR A 35 23.55 12.77 -0.93
CA THR A 35 23.19 12.10 -2.17
C THR A 35 24.41 11.93 -3.08
N ASN A 36 25.60 12.01 -2.49
CA ASN A 36 26.83 11.90 -3.27
C ASN A 36 27.81 10.83 -2.76
N PRO A 37 27.38 9.55 -2.73
CA PRO A 37 26.07 9.06 -3.16
C PRO A 37 25.16 8.91 -1.93
N ALA A 38 23.96 8.41 -2.15
CA ALA A 38 23.03 8.17 -1.05
C ALA A 38 23.53 6.87 -0.41
N GLU A 39 23.50 6.81 0.92
CA GLU A 39 23.98 5.61 1.63
C GLU A 39 22.98 5.03 2.60
N LEU A 40 22.92 3.70 2.64
CA LEU A 40 22.03 2.99 3.55
C LEU A 40 22.67 3.04 4.94
N PRO A 41 22.00 3.72 5.89
CA PRO A 41 22.51 3.84 7.27
C PRO A 41 22.49 2.47 7.95
N PRO A 42 23.51 2.19 8.77
CA PRO A 42 23.55 0.90 9.47
C PRO A 42 22.53 0.89 10.60
N LEU A 43 22.00 -0.28 10.91
CA LEU A 43 21.03 -0.43 11.98
C LEU A 43 21.77 -0.15 13.30
N PRO A 44 21.21 0.71 14.16
CA PRO A 44 21.78 1.10 15.46
C PRO A 44 21.83 -0.02 16.50
N TYR A 45 21.22 -1.16 16.16
CA TYR A 45 21.15 -2.31 17.07
C TYR A 45 21.12 -3.61 16.29
N GLY A 46 21.01 -4.73 17.00
CA GLY A 46 20.95 -6.03 16.36
C GLY A 46 19.60 -6.24 15.69
N TYR A 47 19.56 -7.14 14.71
CA TYR A 47 18.33 -7.45 13.98
C TYR A 47 17.22 -8.04 14.84
N ASP A 48 17.60 -8.72 15.93
CA ASP A 48 16.63 -9.34 16.82
C ASP A 48 16.40 -8.53 18.11
N ALA A 49 16.92 -7.32 18.13
CA ALA A 49 16.82 -6.44 19.30
C ALA A 49 15.44 -5.89 19.63
N LEU A 50 14.56 -5.81 18.64
CA LEU A 50 13.22 -5.28 18.86
C LEU A 50 12.15 -6.36 18.89
N GLU A 51 12.58 -7.58 19.16
CA GLU A 51 11.70 -8.76 19.20
C GLU A 51 10.41 -8.69 20.00
N LYS A 52 10.32 -7.80 20.99
CA LYS A 52 9.08 -7.73 21.76
C LYS A 52 7.96 -7.03 20.97
N ALA A 53 8.27 -6.66 19.73
CA ALA A 53 7.32 -6.00 18.85
C ALA A 53 7.51 -6.39 17.38
N ILE A 54 8.76 -6.39 16.92
CA ILE A 54 9.07 -6.71 15.53
C ILE A 54 10.06 -7.88 15.41
N ASP A 55 9.66 -8.89 14.63
CA ASP A 55 10.49 -10.07 14.41
C ASP A 55 11.79 -9.75 13.68
N ALA A 56 12.79 -10.58 13.90
CA ALA A 56 14.11 -10.42 13.31
C ALA A 56 14.11 -10.52 11.78
N GLU A 57 13.32 -11.45 11.24
CA GLU A 57 13.22 -11.65 9.80
C GLU A 57 12.75 -10.37 9.09
N THR A 58 11.79 -9.67 9.70
CA THR A 58 11.26 -8.43 9.15
C THR A 58 12.30 -7.31 9.26
N MET A 59 13.03 -7.25 10.37
CA MET A 59 14.05 -6.22 10.52
C MET A 59 15.09 -6.34 9.41
N LYS A 60 15.44 -7.59 9.06
CA LYS A 60 16.41 -7.85 8.00
C LYS A 60 15.88 -7.45 6.61
N LEU A 61 14.70 -7.95 6.27
CA LEU A 61 14.06 -7.65 4.98
C LEU A 61 13.79 -6.16 4.81
N HIS A 62 13.20 -5.57 5.85
CA HIS A 62 12.84 -4.16 5.84
C HIS A 62 14.04 -3.24 5.66
N HIS A 63 15.10 -3.48 6.43
CA HIS A 63 16.30 -2.67 6.34
C HIS A 63 17.18 -3.05 5.14
N ASP A 64 17.58 -4.32 5.09
CA ASP A 64 18.47 -4.81 4.03
C ASP A 64 17.92 -4.87 2.62
N LYS A 65 16.62 -5.11 2.48
CA LYS A 65 16.02 -5.19 1.14
C LYS A 65 15.23 -3.94 0.76
N HIS A 66 14.19 -3.64 1.54
CA HIS A 66 13.34 -2.47 1.26
C HIS A 66 14.05 -1.11 1.30
N HIS A 67 14.70 -0.80 2.41
CA HIS A 67 15.37 0.49 2.54
C HIS A 67 16.52 0.57 1.53
N ALA A 68 17.28 -0.52 1.39
CA ALA A 68 18.39 -0.57 0.45
C ALA A 68 17.93 -0.25 -0.97
N ALA A 69 16.77 -0.78 -1.36
CA ALA A 69 16.21 -0.54 -2.69
C ALA A 69 15.92 0.93 -2.94
N TYR A 70 15.38 1.63 -1.94
CA TYR A 70 15.08 3.06 -2.11
C TYR A 70 16.38 3.83 -2.30
N VAL A 71 17.43 3.41 -1.60
CA VAL A 71 18.74 4.04 -1.72
C VAL A 71 19.30 3.81 -3.13
N ASN A 72 19.26 2.56 -3.59
CA ASN A 72 19.76 2.22 -4.92
C ASN A 72 19.00 2.94 -6.02
N ASN A 73 17.67 2.89 -5.95
CA ASN A 73 16.84 3.54 -6.96
C ASN A 73 17.08 5.05 -6.99
N LEU A 74 17.33 5.64 -5.82
CA LEU A 74 17.59 7.08 -5.74
C LEU A 74 18.92 7.39 -6.43
N ASN A 75 19.94 6.60 -6.12
CA ASN A 75 21.26 6.78 -6.73
C ASN A 75 21.20 6.69 -8.25
N ASN A 76 20.43 5.74 -8.76
CA ASN A 76 20.28 5.56 -10.20
C ASN A 76 19.68 6.78 -10.89
N ALA A 77 18.66 7.36 -10.26
CA ALA A 77 17.99 8.54 -10.81
C ALA A 77 18.85 9.80 -10.78
N LEU A 78 19.69 9.93 -9.75
CA LEU A 78 20.55 11.09 -9.61
C LEU A 78 21.75 11.10 -10.55
N LYS A 79 22.18 9.92 -11.00
CA LYS A 79 23.32 9.80 -11.90
C LYS A 79 22.98 10.47 -13.24
N LYS A 80 21.70 10.49 -13.56
CA LYS A 80 21.19 11.10 -14.79
C LYS A 80 21.28 12.62 -14.74
N HIS A 81 21.36 13.17 -13.53
CA HIS A 81 21.46 14.61 -13.33
C HIS A 81 22.44 14.88 -12.18
N PRO A 82 23.75 14.75 -12.46
CA PRO A 82 24.86 14.95 -11.51
C PRO A 82 24.81 16.23 -10.68
N GLU A 83 24.11 17.23 -11.18
CA GLU A 83 23.98 18.51 -10.48
C GLU A 83 23.34 18.32 -9.11
N LEU A 84 22.30 17.50 -9.08
CA LEU A 84 21.55 17.22 -7.86
C LEU A 84 22.34 16.50 -6.78
N GLN A 85 23.49 15.93 -7.14
CA GLN A 85 24.32 15.23 -6.18
C GLN A 85 25.01 16.18 -5.21
N ASN A 86 24.90 17.48 -5.47
CA ASN A 86 25.50 18.50 -4.62
C ASN A 86 24.54 18.94 -3.50
N SER A 87 23.28 18.53 -3.61
CA SER A 87 22.27 18.87 -2.60
C SER A 87 21.93 17.63 -1.76
N SER A 88 21.05 17.80 -0.78
CA SER A 88 20.66 16.69 0.09
C SER A 88 19.26 16.18 -0.23
N VAL A 89 18.89 15.07 0.38
CA VAL A 89 17.56 14.48 0.18
C VAL A 89 16.49 15.45 0.67
N GLU A 90 16.73 16.10 1.81
CA GLU A 90 15.79 17.07 2.37
C GLU A 90 15.55 18.22 1.40
N ALA A 91 16.64 18.76 0.85
CA ALA A 91 16.59 19.87 -0.09
C ALA A 91 15.79 19.53 -1.35
N LEU A 92 15.92 18.28 -1.82
CA LEU A 92 15.22 17.82 -3.00
C LEU A 92 13.72 17.66 -2.75
N LEU A 93 13.37 17.07 -1.62
CA LEU A 93 11.96 16.86 -1.26
C LEU A 93 11.22 18.15 -0.90
N ARG A 94 11.97 19.15 -0.44
CA ARG A 94 11.38 20.44 -0.07
C ARG A 94 10.95 21.25 -1.29
N ASP A 95 11.57 20.98 -2.43
CA ASP A 95 11.27 21.69 -3.66
C ASP A 95 11.32 20.75 -4.87
N LEU A 96 10.30 19.91 -5.00
CA LEU A 96 10.22 18.95 -6.09
C LEU A 96 10.03 19.61 -7.46
N ASN A 97 9.51 20.83 -7.48
CA ASN A 97 9.30 21.55 -8.74
C ASN A 97 10.62 21.78 -9.47
N SER A 98 11.70 22.00 -8.71
CA SER A 98 13.00 22.23 -9.28
C SER A 98 13.71 20.95 -9.72
N VAL A 99 13.14 19.80 -9.40
CA VAL A 99 13.71 18.52 -9.80
C VAL A 99 13.19 18.20 -11.20
N PRO A 100 14.09 17.95 -12.17
CA PRO A 100 13.67 17.63 -13.54
C PRO A 100 12.57 16.58 -13.63
N GLU A 101 11.54 16.93 -14.38
CA GLU A 101 10.35 16.12 -14.61
C GLU A 101 10.56 14.65 -14.92
N ASP A 102 11.63 14.32 -15.65
CA ASP A 102 11.91 12.93 -16.02
C ASP A 102 12.21 12.01 -14.83
N ILE A 103 12.60 12.57 -13.70
CA ILE A 103 12.91 11.79 -12.50
C ILE A 103 12.25 12.33 -11.22
N ARG A 104 11.30 13.25 -11.37
CA ARG A 104 10.63 13.86 -10.22
C ARG A 104 9.94 12.85 -9.32
N THR A 105 9.11 11.99 -9.90
CA THR A 105 8.38 10.99 -9.15
C THR A 105 9.33 9.98 -8.49
N THR A 106 10.37 9.60 -9.21
CA THR A 106 11.36 8.66 -8.71
C THR A 106 12.05 9.20 -7.46
N VAL A 107 12.40 10.47 -7.47
CA VAL A 107 13.05 11.10 -6.33
C VAL A 107 12.09 11.25 -5.15
N ARG A 108 10.85 11.59 -5.45
CA ARG A 108 9.81 11.74 -4.44
C ARG A 108 9.62 10.42 -3.67
N ASN A 109 9.41 9.35 -4.43
CA ASN A 109 9.18 8.02 -3.87
C ASN A 109 10.37 7.39 -3.17
N ASN A 110 11.52 7.41 -3.84
CA ASN A 110 12.70 6.80 -3.28
C ASN A 110 13.42 7.68 -2.28
N GLY A 111 13.42 8.99 -2.54
CA GLY A 111 14.03 9.93 -1.62
C GLY A 111 13.19 9.90 -0.35
N GLY A 112 11.87 9.86 -0.52
CA GLY A 112 10.97 9.80 0.62
C GLY A 112 11.18 8.51 1.39
N GLY A 113 11.28 7.41 0.64
CA GLY A 113 11.50 6.11 1.25
C GLY A 113 12.79 6.09 2.06
N HIS A 114 13.84 6.70 1.52
CA HIS A 114 15.13 6.75 2.21
C HIS A 114 15.04 7.60 3.47
N LEU A 115 14.50 8.81 3.34
CA LEU A 115 14.36 9.69 4.49
C LEU A 115 13.49 9.07 5.59
N ASN A 116 12.29 8.61 5.23
CA ASN A 116 11.36 8.01 6.19
C ASN A 116 11.97 6.86 6.99
N HIS A 117 12.58 5.90 6.31
CA HIS A 117 13.18 4.75 6.99
C HIS A 117 14.40 5.11 7.82
N THR A 118 15.15 6.11 7.38
CA THR A 118 16.34 6.56 8.11
C THR A 118 15.87 7.05 9.49
N ILE A 119 14.81 7.84 9.51
CA ILE A 119 14.26 8.35 10.76
C ILE A 119 13.74 7.19 11.61
N PHE A 120 13.01 6.28 10.96
CA PHE A 120 12.40 5.12 11.60
C PHE A 120 13.34 4.27 12.47
N TRP A 121 14.49 3.88 11.93
CA TRP A 121 15.44 3.06 12.68
C TRP A 121 15.92 3.71 13.97
N GLN A 122 16.14 5.03 13.92
CA GLN A 122 16.62 5.79 15.08
C GLN A 122 15.62 5.99 16.20
N ILE A 123 14.34 6.04 15.89
CA ILE A 123 13.33 6.27 16.93
C ILE A 123 12.83 5.02 17.64
N MET A 124 13.54 3.91 17.44
CA MET A 124 13.21 2.66 18.10
C MET A 124 14.45 2.23 18.87
N SER A 125 14.26 1.48 19.95
CA SER A 125 15.40 1.04 20.77
C SER A 125 15.06 -0.20 21.58
N PRO A 126 16.07 -1.05 21.84
CA PRO A 126 15.90 -2.29 22.62
C PRO A 126 15.47 -1.92 24.03
N ASP A 127 15.92 -0.76 24.48
CA ASP A 127 15.62 -0.21 25.80
C ASP A 127 14.50 0.80 25.76
N GLY A 128 13.71 0.78 24.69
CA GLY A 128 12.61 1.73 24.55
C GLY A 128 11.37 1.37 25.32
N GLY A 129 10.25 2.00 24.95
CA GLY A 129 9.01 1.73 25.64
C GLY A 129 8.78 2.65 26.83
N GLY A 130 7.74 2.36 27.59
CA GLY A 130 7.41 3.19 28.73
C GLY A 130 6.66 4.42 28.24
N GLN A 131 6.25 5.26 29.16
CA GLN A 131 5.54 6.48 28.81
C GLN A 131 6.54 7.56 28.42
N PRO A 132 6.10 8.58 27.66
CA PRO A 132 7.02 9.65 27.26
C PRO A 132 7.68 10.31 28.47
N THR A 133 8.91 10.78 28.27
CA THR A 133 9.64 11.45 29.34
C THR A 133 10.13 12.81 28.86
N GLY A 134 10.36 13.71 29.80
CA GLY A 134 10.88 15.04 29.48
C GLY A 134 10.05 16.02 28.70
N ASP A 135 10.72 16.81 27.86
CA ASP A 135 10.08 17.84 27.05
C ASP A 135 8.91 17.35 26.21
N ILE A 136 9.12 16.29 25.44
CA ILE A 136 8.06 15.74 24.59
C ILE A 136 6.84 15.35 25.42
N ALA A 137 7.06 14.73 26.57
CA ALA A 137 5.98 14.31 27.46
C ALA A 137 5.11 15.51 27.88
N GLN A 138 5.78 16.60 28.23
CA GLN A 138 5.07 17.81 28.65
C GLN A 138 4.26 18.39 27.49
N GLU A 139 4.87 18.45 26.31
CA GLU A 139 4.18 19.00 25.16
C GLU A 139 3.00 18.14 24.74
N ILE A 140 3.12 16.82 24.92
CA ILE A 140 2.04 15.90 24.56
C ILE A 140 0.85 16.10 25.49
N ASN A 141 1.11 16.22 26.79
CA ASN A 141 0.05 16.43 27.77
C ASN A 141 -0.65 17.74 27.49
N GLN A 142 0.12 18.78 27.17
CA GLN A 142 -0.43 20.11 26.88
C GLN A 142 -1.26 20.17 25.61
N THR A 143 -0.88 19.38 24.61
CA THR A 143 -1.58 19.38 23.33
C THR A 143 -2.72 18.38 23.23
N PHE A 144 -2.47 17.15 23.66
CA PHE A 144 -3.47 16.09 23.57
C PHE A 144 -4.20 15.74 24.85
N GLY A 145 -3.76 16.30 25.97
CA GLY A 145 -4.41 16.02 27.24
C GLY A 145 -3.65 15.00 28.08
N SER A 146 -3.20 13.93 27.43
CA SER A 146 -2.46 12.86 28.10
C SER A 146 -1.83 11.94 27.04
N PHE A 147 -0.97 11.03 27.49
CA PHE A 147 -0.32 10.09 26.60
C PHE A 147 -1.33 9.09 26.06
N GLU A 148 -2.25 8.67 26.92
CA GLU A 148 -3.27 7.72 26.56
C GLU A 148 -4.12 8.23 25.40
N GLU A 149 -4.46 9.52 25.43
CA GLU A 149 -5.27 10.12 24.37
C GLU A 149 -4.46 10.28 23.08
N PHE A 150 -3.21 10.71 23.21
CA PHE A 150 -2.31 10.88 22.08
C PHE A 150 -2.15 9.53 21.37
N LYS A 151 -1.88 8.50 22.16
CA LYS A 151 -1.68 7.14 21.68
C LYS A 151 -2.92 6.64 20.91
N LYS A 152 -4.11 6.91 21.44
CA LYS A 152 -5.34 6.50 20.78
C LYS A 152 -5.48 7.18 19.41
N GLN A 153 -5.25 8.50 19.39
CA GLN A 153 -5.36 9.26 18.15
C GLN A 153 -4.29 8.87 17.13
N PHE A 154 -3.12 8.48 17.62
CA PHE A 154 -2.02 8.08 16.75
C PHE A 154 -2.34 6.75 16.08
N ASN A 155 -2.77 5.78 16.87
CA ASN A 155 -3.12 4.45 16.37
C ASN A 155 -4.32 4.55 15.44
N GLN A 156 -5.26 5.42 15.80
CA GLN A 156 -6.46 5.63 14.99
C GLN A 156 -6.03 6.13 13.61
N ALA A 157 -5.21 7.18 13.59
CA ALA A 157 -4.71 7.75 12.33
C ALA A 157 -3.97 6.70 11.52
N GLY A 158 -3.25 5.82 12.22
CA GLY A 158 -2.53 4.75 11.56
C GLY A 158 -3.46 3.74 10.92
N GLY A 159 -4.55 3.43 11.62
CA GLY A 159 -5.52 2.48 11.10
C GLY A 159 -6.32 3.09 9.97
N ASP A 160 -6.58 4.40 10.03
CA ASP A 160 -7.35 5.12 9.02
C ASP A 160 -6.62 5.34 7.70
N ARG A 161 -5.30 5.18 7.69
CA ARG A 161 -4.50 5.36 6.48
C ARG A 161 -4.67 4.11 5.59
N PHE A 162 -5.58 4.22 4.62
CA PHE A 162 -5.89 3.11 3.70
C PHE A 162 -4.80 2.91 2.65
N GLY A 163 -4.37 1.66 2.50
CA GLY A 163 -3.32 1.34 1.56
C GLY A 163 -1.97 1.46 2.25
N SER A 164 -0.94 1.86 1.50
CA SER A 164 0.40 2.00 2.04
C SER A 164 0.64 3.43 2.54
N GLY A 165 1.39 3.56 3.63
CA GLY A 165 1.66 4.90 4.15
C GLY A 165 2.37 4.92 5.49
N TRP A 166 2.37 6.11 6.09
CA TRP A 166 3.02 6.35 7.38
C TRP A 166 2.14 7.22 8.27
N VAL A 167 2.26 7.05 9.58
CA VAL A 167 1.52 7.89 10.54
C VAL A 167 2.63 8.70 11.17
N TRP A 168 2.40 9.99 11.36
CA TRP A 168 3.43 10.85 11.92
C TRP A 168 2.96 11.75 13.04
N LEU A 169 3.93 12.17 13.84
CA LEU A 169 3.73 13.17 14.89
C LEU A 169 4.67 14.23 14.33
N VAL A 170 4.09 15.36 13.92
CA VAL A 170 4.89 16.43 13.35
C VAL A 170 4.73 17.75 14.10
N ARG A 171 5.64 18.67 13.82
CA ARG A 171 5.58 20.02 14.35
C ARG A 171 5.19 20.77 13.07
N ASN A 172 3.95 21.26 13.02
CA ASN A 172 3.48 21.98 11.83
C ASN A 172 4.07 23.39 11.69
N PRO A 173 3.84 24.06 10.53
CA PRO A 173 4.37 25.41 10.31
C PRO A 173 4.00 26.43 11.39
N GLN A 174 2.90 26.21 12.08
CA GLN A 174 2.47 27.10 13.15
C GLN A 174 3.22 26.81 14.47
N GLY A 175 4.06 25.78 14.45
CA GLY A 175 4.83 25.42 15.63
C GLY A 175 4.16 24.49 16.62
N GLN A 176 3.02 23.91 16.22
CA GLN A 176 2.24 23.00 17.08
C GLN A 176 2.44 21.53 16.72
N LEU A 177 2.18 20.64 17.68
CA LEU A 177 2.28 19.20 17.45
C LEU A 177 1.01 18.79 16.74
N GLN A 178 1.15 17.86 15.79
CA GLN A 178 0.00 17.40 15.02
C GLN A 178 0.21 15.98 14.53
N VAL A 179 -0.86 15.20 14.54
CA VAL A 179 -0.81 13.82 14.06
C VAL A 179 -1.33 13.82 12.63
N VAL A 180 -0.53 13.33 11.70
CA VAL A 180 -0.94 13.25 10.29
C VAL A 180 -0.44 11.95 9.67
N SER A 181 -1.16 11.47 8.66
CA SER A 181 -0.74 10.26 7.95
C SER A 181 -0.43 10.69 6.53
N THR A 182 0.52 10.02 5.89
CA THR A 182 0.89 10.33 4.52
C THR A 182 0.84 9.06 3.66
N PRO A 183 0.58 9.21 2.36
CA PRO A 183 0.51 8.05 1.48
C PRO A 183 1.89 7.58 1.02
N ASN A 184 1.99 6.27 0.78
CA ASN A 184 3.21 5.64 0.29
C ASN A 184 4.49 6.10 0.99
N GLN A 185 5.41 6.73 0.28
CA GLN A 185 6.64 7.20 0.90
C GLN A 185 6.72 8.71 1.00
N ASP A 186 5.57 9.38 0.89
CA ASP A 186 5.55 10.83 1.00
C ASP A 186 5.98 11.25 2.40
N ASN A 187 6.68 12.37 2.48
CA ASN A 187 7.16 12.86 3.74
C ASN A 187 6.55 14.21 4.08
N PRO A 188 6.29 14.47 5.37
CA PRO A 188 5.72 15.74 5.84
C PRO A 188 6.57 16.98 5.53
N ILE A 189 7.87 16.81 5.27
CA ILE A 189 8.69 17.98 4.96
C ILE A 189 8.28 18.60 3.62
N MET A 190 7.56 17.83 2.82
CA MET A 190 7.07 18.30 1.52
C MET A 190 6.01 19.36 1.75
N GLU A 191 5.47 19.38 2.97
CA GLU A 191 4.45 20.34 3.34
C GLU A 191 4.89 21.20 4.54
N GLY A 192 6.18 21.50 4.59
CA GLY A 192 6.73 22.33 5.65
C GLY A 192 6.67 21.87 7.10
N SER A 193 6.34 20.60 7.32
CA SER A 193 6.26 20.07 8.68
C SER A 193 7.50 19.26 9.04
N TYR A 194 7.82 19.24 10.33
CA TYR A 194 8.97 18.50 10.82
C TYR A 194 8.49 17.18 11.43
N PRO A 195 8.95 16.05 10.88
CA PRO A 195 8.57 14.71 11.37
C PRO A 195 9.34 14.34 12.62
N ILE A 196 8.69 14.44 13.78
CA ILE A 196 9.32 14.09 15.05
C ILE A 196 9.51 12.57 15.11
N MET A 197 8.43 11.86 14.89
CA MET A 197 8.42 10.40 14.93
C MET A 197 7.30 9.92 14.05
N GLY A 198 7.33 8.64 13.71
CA GLY A 198 6.28 8.08 12.89
C GLY A 198 6.39 6.58 12.77
N ASN A 199 5.26 5.93 12.48
CA ASN A 199 5.23 4.49 12.31
C ASN A 199 4.86 4.16 10.87
N ASP A 200 5.47 3.10 10.37
CA ASP A 200 5.30 2.60 9.01
C ASP A 200 4.08 1.68 8.94
N VAL A 201 3.11 2.01 8.08
CA VAL A 201 1.94 1.14 7.94
C VAL A 201 1.87 0.40 6.62
N TRP A 202 3.00 0.31 5.91
CA TRP A 202 3.06 -0.48 4.68
C TRP A 202 2.93 -1.89 5.22
N GLU A 203 2.30 -2.79 4.47
CA GLU A 203 2.14 -4.15 4.95
C GLU A 203 3.45 -4.91 5.21
N HIS A 204 4.51 -4.58 4.47
CA HIS A 204 5.79 -5.26 4.70
C HIS A 204 6.36 -5.02 6.11
N ALA A 205 5.86 -3.99 6.78
CA ALA A 205 6.33 -3.66 8.13
C ALA A 205 5.74 -4.53 9.23
N TYR A 206 4.66 -5.26 8.94
CA TYR A 206 4.03 -6.11 9.95
C TYR A 206 3.42 -7.42 9.48
N TYR A 207 3.46 -7.70 8.18
CA TYR A 207 2.81 -8.91 7.68
C TYR A 207 3.30 -10.27 8.20
N LEU A 208 4.61 -10.44 8.29
CA LEU A 208 5.16 -11.70 8.75
C LEU A 208 4.72 -12.12 10.16
N ARG A 209 4.63 -11.15 11.06
CA ARG A 209 4.25 -11.44 12.44
C ARG A 209 2.77 -11.17 12.77
N TYR A 210 2.18 -10.16 12.15
CA TYR A 210 0.79 -9.82 12.44
C TYR A 210 -0.20 -10.05 11.31
N GLN A 211 0.31 -10.31 10.11
CA GLN A 211 -0.53 -10.52 8.95
C GLN A 211 -1.47 -9.33 8.75
N ASN A 212 -2.78 -9.56 8.71
CA ASN A 212 -3.76 -8.50 8.51
C ASN A 212 -4.08 -7.67 9.75
N ARG A 213 -3.57 -8.10 10.90
CA ARG A 213 -3.85 -7.41 12.16
C ARG A 213 -3.03 -6.14 12.38
N ARG A 214 -3.22 -5.15 11.52
CA ARG A 214 -2.51 -3.87 11.63
C ARG A 214 -2.64 -3.22 13.01
N PRO A 215 -3.86 -3.15 13.59
CA PRO A 215 -3.99 -2.52 14.91
C PRO A 215 -3.16 -3.16 16.02
N GLU A 216 -2.87 -4.46 15.90
CA GLU A 216 -2.05 -5.15 16.90
C GLU A 216 -0.62 -4.66 16.81
N TYR A 217 -0.13 -4.49 15.58
CA TYR A 217 1.22 -3.99 15.35
C TYR A 217 1.32 -2.56 15.89
N LEU A 218 0.30 -1.75 15.62
CA LEU A 218 0.28 -0.38 16.08
C LEU A 218 0.35 -0.29 17.60
N ASN A 219 -0.31 -1.23 18.27
CA ASN A 219 -0.34 -1.25 19.72
C ASN A 219 0.97 -1.76 20.35
N ASN A 220 1.59 -2.77 19.75
CA ASN A 220 2.83 -3.33 20.29
C ASN A 220 4.04 -2.45 20.00
N TRP A 221 3.97 -1.67 18.92
CA TRP A 221 5.07 -0.80 18.52
C TRP A 221 5.52 0.16 19.63
N TRP A 222 4.58 0.54 20.48
CA TRP A 222 4.88 1.45 21.58
C TRP A 222 5.91 0.91 22.58
N ASN A 223 6.07 -0.41 22.62
CA ASN A 223 7.01 -1.05 23.53
C ASN A 223 8.47 -0.86 23.13
N VAL A 224 8.73 -0.36 21.92
CA VAL A 224 10.11 -0.17 21.46
C VAL A 224 10.46 1.26 21.05
N VAL A 225 9.56 2.19 21.32
CA VAL A 225 9.77 3.59 20.98
C VAL A 225 10.91 4.18 21.83
N ASN A 226 11.85 4.84 21.16
CA ASN A 226 13.01 5.45 21.81
C ASN A 226 12.71 6.91 22.18
N TRP A 227 12.15 7.12 23.37
CA TRP A 227 11.81 8.46 23.81
C TRP A 227 12.99 9.42 23.92
N SER A 228 14.17 8.89 24.21
CA SER A 228 15.37 9.72 24.30
C SER A 228 15.67 10.41 22.97
N GLU A 229 15.66 9.64 21.89
CA GLU A 229 15.92 10.19 20.56
C GLU A 229 14.80 11.13 20.15
N ILE A 230 13.57 10.75 20.46
CA ILE A 230 12.42 11.59 20.11
C ILE A 230 12.51 12.95 20.79
N ASN A 231 13.12 13.01 21.97
CA ASN A 231 13.28 14.28 22.67
C ASN A 231 14.29 15.18 21.98
N ARG A 232 15.36 14.58 21.45
CA ARG A 232 16.39 15.34 20.74
C ARG A 232 15.75 15.92 19.47
N ARG A 233 14.89 15.13 18.83
CA ARG A 233 14.22 15.55 17.62
C ARG A 233 13.18 16.65 17.89
N THR A 234 12.49 16.56 19.02
CA THR A 234 11.51 17.57 19.41
C THR A 234 12.24 18.89 19.60
N GLN A 235 13.41 18.82 20.22
CA GLN A 235 14.23 20.00 20.48
C GLN A 235 14.72 20.63 19.18
N ALA A 236 15.23 19.79 18.27
CA ALA A 236 15.72 20.25 16.97
C ALA A 236 14.56 20.86 16.19
N SER A 237 13.37 20.32 16.44
CA SER A 237 12.13 20.74 15.81
C SER A 237 11.79 22.21 16.07
N ARG A 238 12.11 22.72 17.17
N SER B 25 -23.44 -5.49 -14.85
CA SER B 25 -22.79 -6.30 -13.78
C SER B 25 -21.29 -6.45 -14.04
N ILE B 26 -20.49 -6.27 -12.99
CA ILE B 26 -19.04 -6.36 -13.10
C ILE B 26 -18.43 -7.51 -12.28
N GLY B 27 -18.91 -7.68 -11.04
CA GLY B 27 -18.41 -8.74 -10.19
C GLY B 27 -18.63 -10.10 -10.80
N PHE B 28 -19.89 -10.38 -11.11
CA PHE B 28 -20.26 -11.64 -11.76
C PHE B 28 -20.76 -11.24 -13.14
N ILE B 29 -20.77 -12.15 -14.10
CA ILE B 29 -21.18 -11.84 -15.46
C ILE B 29 -22.71 -11.77 -15.54
N ASP B 30 -23.40 -12.60 -14.77
CA ASP B 30 -24.86 -12.68 -14.80
C ASP B 30 -25.64 -11.82 -13.81
N ARG B 31 -25.01 -11.42 -12.70
CA ARG B 31 -25.70 -10.62 -11.70
C ARG B 31 -24.78 -9.61 -11.03
N GLN B 32 -25.38 -8.59 -10.43
CA GLN B 32 -24.62 -7.55 -9.74
C GLN B 32 -24.37 -7.93 -8.29
N LEU B 33 -23.35 -7.31 -7.69
CA LEU B 33 -23.00 -7.56 -6.30
C LEU B 33 -24.00 -6.87 -5.38
N GLY B 34 -24.81 -7.68 -4.70
CA GLY B 34 -25.81 -7.13 -3.80
C GLY B 34 -25.25 -6.50 -2.53
N THR B 35 -26.02 -5.59 -1.96
CA THR B 35 -25.63 -4.91 -0.73
C THR B 35 -26.68 -5.07 0.36
N ASN B 36 -27.63 -5.98 0.17
CA ASN B 36 -28.68 -6.17 1.16
C ASN B 36 -28.84 -7.63 1.59
N PRO B 37 -27.82 -8.19 2.27
CA PRO B 37 -26.55 -7.55 2.63
C PRO B 37 -25.47 -7.95 1.65
N ALA B 38 -24.29 -7.34 1.78
CA ALA B 38 -23.17 -7.70 0.92
C ALA B 38 -22.68 -9.04 1.44
N GLU B 39 -22.34 -9.95 0.54
CA GLU B 39 -21.89 -11.29 0.94
C GLU B 39 -20.53 -11.68 0.40
N LEU B 40 -19.75 -12.35 1.25
CA LEU B 40 -18.42 -12.84 0.88
C LEU B 40 -18.60 -14.13 0.06
N PRO B 41 -18.15 -14.11 -1.20
CA PRO B 41 -18.28 -15.30 -2.06
C PRO B 41 -17.26 -16.35 -1.67
N PRO B 42 -17.70 -17.61 -1.55
CA PRO B 42 -16.78 -18.69 -1.18
C PRO B 42 -15.84 -18.95 -2.37
N LEU B 43 -14.64 -19.45 -2.09
CA LEU B 43 -13.68 -19.77 -3.13
C LEU B 43 -14.26 -20.93 -3.95
N PRO B 44 -14.13 -20.87 -5.29
CA PRO B 44 -14.64 -21.92 -6.17
C PRO B 44 -13.79 -23.20 -6.13
N TYR B 45 -12.62 -23.10 -5.50
CA TYR B 45 -11.68 -24.22 -5.40
C TYR B 45 -11.01 -24.23 -4.03
N GLY B 46 -10.20 -25.26 -3.77
CA GLY B 46 -9.50 -25.36 -2.49
C GLY B 46 -8.43 -24.31 -2.27
N TYR B 47 -8.11 -24.04 -1.00
CA TYR B 47 -7.11 -23.04 -0.64
C TYR B 47 -5.72 -23.35 -1.16
N ASP B 48 -5.43 -24.64 -1.36
CA ASP B 48 -4.14 -25.08 -1.85
C ASP B 48 -4.11 -25.42 -3.34
N ALA B 49 -5.21 -25.09 -4.05
CA ALA B 49 -5.31 -25.38 -5.47
C ALA B 49 -4.47 -24.51 -6.41
N LEU B 50 -3.94 -23.40 -5.90
CA LEU B 50 -3.13 -22.51 -6.73
C LEU B 50 -1.66 -22.48 -6.30
N GLU B 51 -1.22 -23.54 -5.64
CA GLU B 51 0.14 -23.66 -5.14
C GLU B 51 1.31 -23.37 -6.10
N LYS B 52 1.10 -23.52 -7.41
CA LYS B 52 2.19 -23.24 -8.33
C LYS B 52 2.48 -21.75 -8.48
N ALA B 53 1.72 -20.94 -7.74
CA ALA B 53 1.89 -19.50 -7.77
C ALA B 53 1.64 -18.89 -6.39
N ILE B 54 0.58 -19.33 -5.72
CA ILE B 54 0.20 -18.78 -4.43
C ILE B 54 0.05 -19.84 -3.34
N ASP B 55 0.66 -19.58 -2.19
CA ASP B 55 0.62 -20.48 -1.05
C ASP B 55 -0.78 -20.50 -0.40
N ALA B 56 -1.15 -21.66 0.12
CA ALA B 56 -2.43 -21.87 0.77
C ALA B 56 -2.71 -20.92 1.94
N GLU B 57 -1.67 -20.61 2.71
CA GLU B 57 -1.82 -19.73 3.86
C GLU B 57 -2.29 -18.34 3.44
N THR B 58 -1.71 -17.84 2.35
CA THR B 58 -2.07 -16.54 1.81
C THR B 58 -3.49 -16.57 1.28
N MET B 59 -3.85 -17.66 0.58
CA MET B 59 -5.20 -17.80 0.05
C MET B 59 -6.22 -17.70 1.19
N LYS B 60 -5.91 -18.35 2.31
CA LYS B 60 -6.77 -18.32 3.49
C LYS B 60 -6.90 -16.91 4.05
N LEU B 61 -5.76 -16.27 4.33
CA LEU B 61 -5.73 -14.92 4.88
C LEU B 61 -6.38 -13.92 3.93
N HIS B 62 -6.01 -13.99 2.66
CA HIS B 62 -6.50 -13.07 1.65
C HIS B 62 -8.03 -13.13 1.50
N HIS B 63 -8.58 -14.34 1.46
CA HIS B 63 -10.00 -14.52 1.32
C HIS B 63 -10.76 -14.40 2.63
N ASP B 64 -10.39 -15.23 3.62
CA ASP B 64 -11.07 -15.27 4.91
C ASP B 64 -10.90 -14.04 5.81
N LYS B 65 -9.78 -13.33 5.67
CA LYS B 65 -9.53 -12.17 6.51
C LYS B 65 -9.66 -10.84 5.76
N HIS B 66 -8.89 -10.67 4.69
CA HIS B 66 -8.92 -9.42 3.93
C HIS B 66 -10.22 -9.16 3.20
N HIS B 67 -10.64 -10.09 2.35
CA HIS B 67 -11.88 -9.92 1.60
C HIS B 67 -13.08 -9.82 2.54
N ALA B 68 -13.07 -10.62 3.60
CA ALA B 68 -14.16 -10.62 4.59
C ALA B 68 -14.29 -9.26 5.26
N ALA B 69 -13.17 -8.65 5.61
CA ALA B 69 -13.14 -7.32 6.24
C ALA B 69 -13.78 -6.26 5.35
N TYR B 70 -13.49 -6.30 4.04
CA TYR B 70 -14.06 -5.33 3.09
C TYR B 70 -15.59 -5.45 3.07
N VAL B 71 -16.08 -6.68 3.10
CA VAL B 71 -17.51 -6.96 3.09
C VAL B 71 -18.16 -6.48 4.39
N ASN B 72 -17.56 -6.83 5.53
CA ASN B 72 -18.08 -6.42 6.83
C ASN B 72 -18.15 -4.90 6.99
N ASN B 73 -17.08 -4.20 6.62
CA ASN B 73 -17.03 -2.74 6.73
C ASN B 73 -18.05 -2.06 5.83
N LEU B 74 -18.26 -2.63 4.64
CA LEU B 74 -19.22 -2.07 3.70
C LEU B 74 -20.63 -2.20 4.29
N ASN B 75 -20.92 -3.36 4.89
CA ASN B 75 -22.24 -3.58 5.50
C ASN B 75 -22.49 -2.65 6.69
N ASN B 76 -21.44 -2.37 7.45
CA ASN B 76 -21.56 -1.49 8.60
C ASN B 76 -21.86 -0.07 8.15
N ALA B 77 -21.24 0.36 7.06
CA ALA B 77 -21.47 1.69 6.53
C ALA B 77 -22.88 1.83 5.95
N LEU B 78 -23.38 0.76 5.33
CA LEU B 78 -24.71 0.78 4.73
C LEU B 78 -25.84 0.74 5.74
N LYS B 79 -25.56 0.29 6.96
CA LYS B 79 -26.57 0.24 8.00
C LYS B 79 -27.07 1.63 8.36
N LYS B 80 -26.16 2.61 8.38
CA LYS B 80 -26.54 3.98 8.69
C LYS B 80 -27.21 4.74 7.54
N HIS B 81 -27.39 4.05 6.42
CA HIS B 81 -28.03 4.62 5.24
C HIS B 81 -28.80 3.51 4.51
N PRO B 82 -29.87 2.98 5.13
CA PRO B 82 -30.72 1.91 4.59
C PRO B 82 -31.32 2.20 3.21
N GLU B 83 -31.47 3.47 2.87
CA GLU B 83 -32.02 3.86 1.58
C GLU B 83 -31.09 3.48 0.42
N LEU B 84 -29.88 3.05 0.74
CA LEU B 84 -28.88 2.65 -0.25
C LEU B 84 -28.74 1.14 -0.40
N GLN B 85 -29.39 0.38 0.49
CA GLN B 85 -29.31 -1.08 0.45
C GLN B 85 -29.98 -1.72 -0.77
N ASN B 86 -30.72 -0.92 -1.53
CA ASN B 86 -31.39 -1.42 -2.72
C ASN B 86 -30.41 -1.51 -3.90
N SER B 87 -29.46 -0.57 -3.94
CA SER B 87 -28.48 -0.53 -5.02
C SER B 87 -27.29 -1.48 -4.85
N SER B 88 -26.69 -1.85 -5.98
CA SER B 88 -25.55 -2.76 -6.02
C SER B 88 -24.22 -2.04 -5.81
N VAL B 89 -23.17 -2.82 -5.56
CA VAL B 89 -21.82 -2.25 -5.38
C VAL B 89 -21.45 -1.49 -6.65
N GLU B 90 -21.77 -2.06 -7.80
CA GLU B 90 -21.48 -1.43 -9.08
C GLU B 90 -22.10 -0.03 -9.18
N ALA B 91 -23.38 0.08 -8.84
CA ALA B 91 -24.08 1.36 -8.90
C ALA B 91 -23.48 2.40 -7.96
N LEU B 92 -23.06 1.98 -6.77
CA LEU B 92 -22.47 2.89 -5.80
C LEU B 92 -21.12 3.43 -6.28
N LEU B 93 -20.29 2.54 -6.83
CA LEU B 93 -18.97 2.93 -7.32
C LEU B 93 -19.03 3.75 -8.60
N ARG B 94 -20.03 3.50 -9.43
CA ARG B 94 -20.17 4.24 -10.69
C ARG B 94 -20.58 5.68 -10.48
N ASP B 95 -21.10 5.99 -9.29
CA ASP B 95 -21.51 7.35 -8.97
C ASP B 95 -21.32 7.63 -7.48
N LEU B 96 -20.06 7.76 -7.08
CA LEU B 96 -19.71 8.03 -5.68
C LEU B 96 -20.20 9.38 -5.17
N ASN B 97 -20.38 10.33 -6.08
CA ASN B 97 -20.85 11.66 -5.70
C ASN B 97 -22.27 11.65 -5.12
N SER B 98 -23.07 10.65 -5.49
CA SER B 98 -24.44 10.55 -5.00
C SER B 98 -24.50 9.84 -3.64
N VAL B 99 -23.38 9.23 -3.24
CA VAL B 99 -23.26 8.53 -1.96
C VAL B 99 -23.01 9.60 -0.88
N PRO B 100 -23.76 9.57 0.23
CA PRO B 100 -23.61 10.54 1.33
C PRO B 100 -22.17 10.68 1.82
N GLU B 101 -21.76 11.94 2.03
CA GLU B 101 -20.42 12.31 2.49
C GLU B 101 -19.83 11.52 3.65
N ASP B 102 -20.66 11.18 4.63
CA ASP B 102 -20.19 10.46 5.80
C ASP B 102 -19.77 9.00 5.59
N ILE B 103 -20.09 8.42 4.43
CA ILE B 103 -19.72 7.03 4.15
C ILE B 103 -19.13 6.84 2.75
N ARG B 104 -18.97 7.94 2.01
CA ARG B 104 -18.45 7.91 0.64
C ARG B 104 -17.08 7.21 0.52
N THR B 105 -16.13 7.61 1.36
CA THR B 105 -14.79 7.02 1.34
C THR B 105 -14.82 5.56 1.80
N THR B 106 -15.64 5.26 2.78
CA THR B 106 -15.78 3.89 3.29
C THR B 106 -16.33 2.97 2.20
N VAL B 107 -17.29 3.48 1.42
CA VAL B 107 -17.91 2.72 0.33
C VAL B 107 -16.93 2.54 -0.82
N ARG B 108 -16.17 3.59 -1.09
CA ARG B 108 -15.18 3.58 -2.15
C ARG B 108 -14.09 2.51 -1.88
N ASN B 109 -13.52 2.57 -0.69
CA ASN B 109 -12.45 1.65 -0.30
C ASN B 109 -12.90 0.21 -0.08
N ASN B 110 -13.97 0.03 0.68
CA ASN B 110 -14.47 -1.31 0.99
C ASN B 110 -15.32 -1.87 -0.14
N GLY B 111 -16.03 -1.00 -0.84
CA GLY B 111 -16.84 -1.42 -1.97
C GLY B 111 -15.87 -1.88 -3.05
N GLY B 112 -14.81 -1.10 -3.25
CA GLY B 112 -13.82 -1.46 -4.26
C GLY B 112 -13.14 -2.77 -3.91
N GLY B 113 -12.75 -2.92 -2.64
CA GLY B 113 -12.10 -4.14 -2.19
C GLY B 113 -12.98 -5.37 -2.41
N HIS B 114 -14.28 -5.22 -2.19
CA HIS B 114 -15.22 -6.31 -2.38
C HIS B 114 -15.27 -6.69 -3.86
N LEU B 115 -15.56 -5.72 -4.72
CA LEU B 115 -15.65 -5.94 -6.16
C LEU B 115 -14.34 -6.50 -6.77
N ASN B 116 -13.21 -5.86 -6.45
CA ASN B 116 -11.92 -6.28 -6.97
C ASN B 116 -11.58 -7.73 -6.67
N HIS B 117 -11.71 -8.12 -5.39
CA HIS B 117 -11.40 -9.48 -4.98
C HIS B 117 -12.39 -10.52 -5.49
N THR B 118 -13.66 -10.14 -5.61
CA THR B 118 -14.70 -11.02 -6.13
C THR B 118 -14.34 -11.43 -7.56
N ILE B 119 -13.77 -10.49 -8.32
CA ILE B 119 -13.34 -10.75 -9.68
C ILE B 119 -12.09 -11.64 -9.66
N PHE B 120 -11.18 -11.32 -8.77
CA PHE B 120 -9.90 -12.02 -8.61
C PHE B 120 -10.02 -13.54 -8.40
N TRP B 121 -10.89 -13.98 -7.49
CA TRP B 121 -11.04 -15.41 -7.24
C TRP B 121 -11.53 -16.19 -8.47
N GLN B 122 -12.37 -15.55 -9.29
CA GLN B 122 -12.94 -16.17 -10.47
C GLN B 122 -12.00 -16.33 -11.66
N ILE B 123 -11.05 -15.42 -11.80
CA ILE B 123 -10.12 -15.46 -12.92
C ILE B 123 -8.89 -16.34 -12.71
N MET B 124 -8.88 -17.11 -11.63
CA MET B 124 -7.78 -18.03 -11.35
C MET B 124 -8.40 -19.41 -11.26
N SER B 125 -7.61 -20.45 -11.52
CA SER B 125 -8.11 -21.81 -11.50
C SER B 125 -6.99 -22.83 -11.32
N PRO B 126 -7.31 -23.99 -10.70
CA PRO B 126 -6.33 -25.05 -10.47
C PRO B 126 -5.77 -25.55 -11.80
N ASP B 127 -6.61 -25.54 -12.84
CA ASP B 127 -6.16 -25.96 -14.16
C ASP B 127 -5.94 -24.76 -15.08
N GLY B 128 -5.51 -23.65 -14.48
CA GLY B 128 -5.25 -22.45 -15.25
C GLY B 128 -3.87 -22.46 -15.87
N GLY B 129 -3.47 -21.32 -16.43
CA GLY B 129 -2.17 -21.22 -17.05
C GLY B 129 -2.28 -21.42 -18.54
N GLY B 130 -1.14 -21.60 -19.21
CA GLY B 130 -1.14 -21.80 -20.65
C GLY B 130 -1.30 -20.47 -21.36
N GLN B 131 -1.45 -20.52 -22.68
CA GLN B 131 -1.61 -19.34 -23.51
C GLN B 131 -3.12 -19.12 -23.72
N PRO B 132 -3.56 -17.85 -23.88
CA PRO B 132 -4.99 -17.63 -24.08
C PRO B 132 -5.61 -18.32 -25.28
N THR B 133 -6.92 -18.48 -25.23
CA THR B 133 -7.69 -19.12 -26.27
C THR B 133 -8.82 -18.20 -26.72
N GLY B 134 -9.48 -18.57 -27.81
CA GLY B 134 -10.61 -17.82 -28.33
C GLY B 134 -10.51 -16.34 -28.64
N ASP B 135 -11.59 -15.63 -28.34
CA ASP B 135 -11.73 -14.20 -28.58
C ASP B 135 -10.61 -13.34 -28.04
N ILE B 136 -10.31 -13.46 -26.75
CA ILE B 136 -9.28 -12.63 -26.15
C ILE B 136 -7.87 -12.87 -26.69
N ALA B 137 -7.61 -14.08 -27.17
CA ALA B 137 -6.30 -14.43 -27.73
C ALA B 137 -6.01 -13.61 -28.97
N GLN B 138 -6.99 -13.52 -29.87
CA GLN B 138 -6.79 -12.76 -31.10
C GLN B 138 -6.87 -11.26 -30.85
N GLU B 139 -7.64 -10.85 -29.84
CA GLU B 139 -7.75 -9.43 -29.52
C GLU B 139 -6.42 -8.97 -28.90
N ILE B 140 -5.83 -9.82 -28.07
CA ILE B 140 -4.54 -9.50 -27.45
C ILE B 140 -3.47 -9.39 -28.53
N ASN B 141 -3.49 -10.30 -29.49
CA ASN B 141 -2.52 -10.30 -30.59
C ASN B 141 -2.59 -9.02 -31.44
N GLN B 142 -3.80 -8.55 -31.74
CA GLN B 142 -3.98 -7.34 -32.54
C GLN B 142 -3.53 -6.08 -31.81
N THR B 143 -3.96 -5.96 -30.56
CA THR B 143 -3.66 -4.79 -29.74
C THR B 143 -2.22 -4.67 -29.28
N PHE B 144 -1.72 -5.72 -28.65
CA PHE B 144 -0.38 -5.72 -28.11
C PHE B 144 0.73 -6.33 -28.95
N GLY B 145 0.37 -7.02 -30.02
CA GLY B 145 1.36 -7.62 -30.89
C GLY B 145 1.46 -9.13 -30.73
N SER B 146 1.45 -9.58 -29.47
CA SER B 146 1.53 -10.99 -29.15
C SER B 146 1.21 -11.19 -27.68
N PHE B 147 1.06 -12.44 -27.28
CA PHE B 147 0.77 -12.75 -25.89
C PHE B 147 1.96 -12.39 -25.00
N GLU B 148 3.18 -12.68 -25.46
CA GLU B 148 4.36 -12.38 -24.65
C GLU B 148 4.58 -10.88 -24.43
N GLU B 149 4.21 -10.06 -25.41
CA GLU B 149 4.37 -8.61 -25.28
C GLU B 149 3.32 -8.07 -24.31
N PHE B 150 2.12 -8.65 -24.38
CA PHE B 150 1.03 -8.27 -23.50
C PHE B 150 1.47 -8.59 -22.06
N LYS B 151 2.01 -9.79 -21.89
CA LYS B 151 2.48 -10.26 -20.59
C LYS B 151 3.54 -9.31 -20.02
N LYS B 152 4.49 -8.88 -20.85
CA LYS B 152 5.55 -7.96 -20.43
C LYS B 152 4.99 -6.61 -19.98
N GLN B 153 4.10 -6.03 -20.78
CA GLN B 153 3.51 -4.76 -20.42
C GLN B 153 2.67 -4.86 -19.13
N PHE B 154 1.92 -5.95 -19.00
CA PHE B 154 1.09 -6.17 -17.81
C PHE B 154 1.96 -6.23 -16.57
N ASN B 155 3.00 -7.07 -16.60
CA ASN B 155 3.92 -7.20 -15.48
C ASN B 155 4.64 -5.89 -15.18
N GLN B 156 4.97 -5.15 -16.24
CA GLN B 156 5.65 -3.86 -16.10
C GLN B 156 4.76 -2.87 -15.33
N ALA B 157 3.49 -2.78 -15.73
CA ALA B 157 2.54 -1.90 -15.08
C ALA B 157 2.40 -2.34 -13.62
N GLY B 158 2.46 -3.65 -13.41
CA GLY B 158 2.37 -4.22 -12.08
C GLY B 158 3.49 -3.76 -11.18
N GLY B 159 4.71 -3.86 -11.70
CA GLY B 159 5.88 -3.44 -10.94
C GLY B 159 5.93 -1.94 -10.70
N ASP B 160 5.44 -1.16 -11.67
CA ASP B 160 5.46 0.30 -11.57
C ASP B 160 4.45 0.93 -10.61
N ARG B 161 3.43 0.18 -10.23
CA ARG B 161 2.41 0.68 -9.31
C ARG B 161 3.05 0.79 -7.92
N PHE B 162 3.47 2.01 -7.57
CA PHE B 162 4.12 2.28 -6.29
C PHE B 162 3.10 2.28 -5.17
N GLY B 163 3.40 1.52 -4.12
CA GLY B 163 2.49 1.42 -3.00
C GLY B 163 1.50 0.28 -3.24
N SER B 164 0.28 0.43 -2.73
CA SER B 164 -0.76 -0.58 -2.87
C SER B 164 -1.62 -0.32 -4.10
N GLY B 165 -2.08 -1.39 -4.73
CA GLY B 165 -2.90 -1.24 -5.92
C GLY B 165 -3.15 -2.51 -6.70
N TRP B 166 -3.70 -2.34 -7.90
CA TRP B 166 -4.04 -3.43 -8.80
C TRP B 166 -3.61 -3.08 -10.22
N VAL B 167 -3.39 -4.10 -11.05
CA VAL B 167 -3.05 -3.90 -12.45
C VAL B 167 -4.15 -4.60 -13.21
N TRP B 168 -4.74 -3.91 -14.18
CA TRP B 168 -5.86 -4.46 -14.92
C TRP B 168 -5.72 -4.43 -16.43
N LEU B 169 -6.49 -5.30 -17.06
CA LEU B 169 -6.61 -5.32 -18.50
C LEU B 169 -8.08 -4.89 -18.58
N VAL B 170 -8.33 -3.73 -19.16
CA VAL B 170 -9.71 -3.25 -19.26
C VAL B 170 -10.14 -3.00 -20.68
N ARG B 171 -11.45 -2.82 -20.83
CA ARG B 171 -12.09 -2.46 -22.08
C ARG B 171 -12.47 -1.04 -21.73
N ASN B 172 -11.77 -0.05 -22.30
CA ASN B 172 -12.05 1.35 -21.99
C ASN B 172 -13.38 1.81 -22.60
N PRO B 173 -13.85 3.02 -22.20
CA PRO B 173 -15.12 3.55 -22.73
C PRO B 173 -15.23 3.51 -24.26
N GLN B 174 -14.09 3.61 -24.94
CA GLN B 174 -14.05 3.58 -26.40
C GLN B 174 -14.10 2.17 -26.99
N GLY B 175 -14.10 1.17 -26.12
CA GLY B 175 -14.15 -0.22 -26.57
C GLY B 175 -12.81 -0.86 -26.91
N GLN B 176 -11.72 -0.22 -26.48
CA GLN B 176 -10.38 -0.74 -26.75
C GLN B 176 -9.75 -1.38 -25.50
N LEU B 177 -8.90 -2.38 -25.72
CA LEU B 177 -8.20 -3.04 -24.62
C LEU B 177 -7.11 -2.09 -24.15
N GLN B 178 -6.88 -2.06 -22.85
CA GLN B 178 -5.86 -1.18 -22.30
C GLN B 178 -5.37 -1.71 -20.96
N VAL B 179 -4.07 -1.60 -20.72
CA VAL B 179 -3.49 -2.03 -19.45
C VAL B 179 -3.45 -0.76 -18.60
N VAL B 180 -3.96 -0.85 -17.38
CA VAL B 180 -4.00 0.29 -16.47
C VAL B 180 -3.84 -0.23 -15.05
N SER B 181 -3.22 0.58 -14.19
CA SER B 181 -3.07 0.19 -12.80
C SER B 181 -3.85 1.22 -11.99
N THR B 182 -4.38 0.80 -10.85
CA THR B 182 -5.15 1.70 -10.00
C THR B 182 -4.60 1.65 -8.58
N PRO B 183 -4.76 2.75 -7.83
CA PRO B 183 -4.28 2.77 -6.45
C PRO B 183 -5.25 2.10 -5.49
N ASN B 184 -4.69 1.55 -4.41
CA ASN B 184 -5.45 0.94 -3.33
C ASN B 184 -6.55 0.01 -3.79
N GLN B 185 -7.81 0.31 -3.49
CA GLN B 185 -8.90 -0.54 -3.93
C GLN B 185 -9.78 0.14 -4.97
N ASP B 186 -9.26 1.20 -5.60
CA ASP B 186 -10.01 1.89 -6.64
C ASP B 186 -10.24 0.94 -7.81
N ASN B 187 -11.40 1.04 -8.43
CA ASN B 187 -11.72 0.19 -9.54
C ASN B 187 -11.91 1.01 -10.81
N PRO B 188 -11.50 0.45 -11.97
CA PRO B 188 -11.64 1.15 -13.24
C PRO B 188 -13.09 1.49 -13.63
N ILE B 189 -14.08 0.85 -13.02
CA ILE B 189 -15.46 1.16 -13.38
C ILE B 189 -15.86 2.57 -12.97
N MET B 190 -15.05 3.18 -12.11
CA MET B 190 -15.30 4.55 -11.67
C MET B 190 -15.06 5.50 -12.85
N GLU B 191 -14.33 5.02 -13.85
CA GLU B 191 -14.02 5.79 -15.04
C GLU B 191 -14.83 5.30 -16.24
N GLY B 192 -15.64 4.26 -16.04
CA GLY B 192 -16.45 3.72 -17.12
C GLY B 192 -15.82 2.55 -17.86
N SER B 193 -14.68 2.06 -17.36
CA SER B 193 -13.99 0.93 -17.98
C SER B 193 -14.44 -0.39 -17.39
N TYR B 194 -14.41 -1.44 -18.21
CA TYR B 194 -14.80 -2.76 -17.76
C TYR B 194 -13.53 -3.57 -17.48
N PRO B 195 -13.31 -3.94 -16.21
CA PRO B 195 -12.12 -4.72 -15.84
C PRO B 195 -12.28 -6.18 -16.23
N ILE B 196 -11.57 -6.59 -17.29
CA ILE B 196 -11.62 -7.96 -17.78
C ILE B 196 -10.88 -8.92 -16.85
N MET B 197 -9.68 -8.52 -16.44
CA MET B 197 -8.85 -9.32 -15.53
C MET B 197 -7.90 -8.38 -14.79
N GLY B 198 -7.41 -8.84 -13.64
CA GLY B 198 -6.48 -8.01 -12.89
C GLY B 198 -5.70 -8.79 -11.85
N ASN B 199 -4.54 -8.26 -11.50
CA ASN B 199 -3.72 -8.89 -10.48
C ASN B 199 -3.53 -7.90 -9.34
N ASP B 200 -3.54 -8.43 -8.13
CA ASP B 200 -3.39 -7.68 -6.89
C ASP B 200 -1.92 -7.45 -6.53
N VAL B 201 -1.50 -6.20 -6.42
CA VAL B 201 -0.12 -5.92 -6.04
C VAL B 201 0.03 -5.34 -4.63
N TRP B 202 -1.00 -5.51 -3.81
CA TRP B 202 -0.92 -5.09 -2.40
C TRP B 202 0.08 -6.10 -1.84
N GLU B 203 0.90 -5.70 -0.88
CA GLU B 203 1.89 -6.63 -0.32
C GLU B 203 1.32 -7.89 0.29
N HIS B 204 0.08 -7.82 0.79
CA HIS B 204 -0.55 -9.00 1.39
C HIS B 204 -0.79 -10.13 0.40
N ALA B 205 -0.81 -9.83 -0.89
CA ALA B 205 -1.05 -10.84 -1.91
C ALA B 205 0.16 -11.70 -2.23
N TYR B 206 1.34 -11.28 -1.78
CA TYR B 206 2.56 -12.04 -2.10
C TYR B 206 3.70 -12.04 -1.08
N TYR B 207 3.56 -11.34 0.03
CA TYR B 207 4.65 -11.24 0.98
C TYR B 207 5.10 -12.52 1.71
N LEU B 208 4.17 -13.38 2.07
CA LEU B 208 4.53 -14.61 2.78
C LEU B 208 5.46 -15.51 1.98
N ARG B 209 5.18 -15.65 0.68
CA ARG B 209 5.98 -16.51 -0.19
C ARG B 209 7.09 -15.77 -0.93
N TYR B 210 6.80 -14.56 -1.37
CA TYR B 210 7.77 -13.79 -2.14
C TYR B 210 8.48 -12.66 -1.43
N GLN B 211 7.94 -12.24 -0.29
CA GLN B 211 8.49 -11.12 0.46
C GLN B 211 8.54 -9.90 -0.47
N ASN B 212 9.69 -9.23 -0.57
CA ASN B 212 9.82 -8.04 -1.41
C ASN B 212 9.91 -8.29 -2.91
N ARG B 213 9.96 -9.55 -3.33
CA ARG B 213 10.09 -9.87 -4.74
C ARG B 213 8.80 -9.89 -5.55
N ARG B 214 8.17 -8.72 -5.68
CA ARG B 214 6.93 -8.59 -6.43
C ARG B 214 7.05 -9.11 -7.86
N PRO B 215 8.14 -8.78 -8.59
CA PRO B 215 8.26 -9.27 -9.96
C PRO B 215 8.17 -10.79 -10.11
N GLU B 216 8.64 -11.53 -9.11
CA GLU B 216 8.57 -12.99 -9.15
C GLU B 216 7.13 -13.46 -9.06
N TYR B 217 6.37 -12.80 -8.19
CA TYR B 217 4.94 -13.10 -8.00
C TYR B 217 4.20 -12.83 -9.31
N LEU B 218 4.47 -11.67 -9.90
CA LEU B 218 3.83 -11.28 -11.15
C LEU B 218 4.08 -12.30 -12.25
N ASN B 219 5.30 -12.84 -12.28
CA ASN B 219 5.66 -13.85 -13.27
C ASN B 219 4.92 -15.17 -13.06
N ASN B 220 4.94 -15.67 -11.83
CA ASN B 220 4.29 -16.93 -11.51
C ASN B 220 2.77 -16.92 -11.57
N TRP B 221 2.18 -15.74 -11.39
CA TRP B 221 0.73 -15.61 -11.40
C TRP B 221 0.08 -16.13 -12.68
N TRP B 222 0.79 -15.97 -13.79
CA TRP B 222 0.30 -16.43 -15.10
C TRP B 222 0.02 -17.92 -15.17
N ASN B 223 0.66 -18.69 -14.31
CA ASN B 223 0.47 -20.13 -14.29
C ASN B 223 -0.89 -20.59 -13.75
N VAL B 224 -1.66 -19.68 -13.16
CA VAL B 224 -2.97 -20.04 -12.60
C VAL B 224 -4.14 -19.28 -13.22
N VAL B 225 -3.85 -18.44 -14.21
CA VAL B 225 -4.88 -17.64 -14.87
C VAL B 225 -5.89 -18.51 -15.59
N ASN B 226 -7.17 -18.24 -15.31
CA ASN B 226 -8.28 -18.99 -15.90
C ASN B 226 -8.76 -18.32 -17.19
N TRP B 227 -8.22 -18.76 -18.33
CA TRP B 227 -8.57 -18.18 -19.62
C TRP B 227 -10.02 -18.40 -20.06
N SER B 228 -10.64 -19.47 -19.58
CA SER B 228 -12.03 -19.75 -19.93
C SER B 228 -12.92 -18.67 -19.37
N GLU B 229 -12.69 -18.33 -18.10
CA GLU B 229 -13.47 -17.29 -17.43
C GLU B 229 -13.17 -15.92 -18.02
N ILE B 230 -11.90 -15.66 -18.30
CA ILE B 230 -11.49 -14.37 -18.87
C ILE B 230 -12.14 -14.14 -20.24
N ASN B 231 -12.39 -15.22 -20.98
CA ASN B 231 -13.06 -15.10 -22.27
C ASN B 231 -14.52 -14.73 -22.10
N ARG B 232 -15.17 -15.29 -21.09
CA ARG B 232 -16.57 -14.97 -20.83
C ARG B 232 -16.68 -13.49 -20.47
N ARG B 233 -15.72 -13.00 -19.69
CA ARG B 233 -15.71 -11.59 -19.30
C ARG B 233 -15.43 -10.68 -20.48
N THR B 234 -14.60 -11.14 -21.42
CA THR B 234 -14.27 -10.35 -22.61
C THR B 234 -15.52 -10.17 -23.47
N GLN B 235 -16.33 -11.23 -23.58
CA GLN B 235 -17.56 -11.18 -24.34
C GLN B 235 -18.56 -10.22 -23.69
N ALA B 236 -18.70 -10.33 -22.37
CA ALA B 236 -19.62 -9.47 -21.62
C ALA B 236 -19.25 -7.99 -21.69
N SER B 237 -17.95 -7.70 -21.81
CA SER B 237 -17.48 -6.32 -21.88
C SER B 237 -17.85 -5.62 -23.19
N ARG B 238 -17.82 -4.37 -23.19
MN MN C . 8.78 0.37 5.17
MN MN D . -5.89 -8.12 -1.88
#